data_2YX0
#
_entry.id   2YX0
#
_cell.length_a   41.920
_cell.length_b   60.850
_cell.length_c   153.810
_cell.angle_alpha   90.00
_cell.angle_beta   90.00
_cell.angle_gamma   90.00
#
_symmetry.space_group_name_H-M   'P 21 21 21'
#
loop_
_entity.id
_entity.type
_entity.pdbx_description
1 polymer 'radical sam enzyme'
2 water water
#
_entity_poly.entity_id   1
_entity_poly.type   'polypeptide(L)'
_entity_poly.pdbx_seq_one_letter_code
;MMEMITIKPGKITVQANPNMPKEVAELFRKQHYEIVGRHSGVKLCHWLKKSLTEGRFCYKQKFYGIHSHRCLQMTPVLAW
CTHNCIFCWRPMENFLGTELPQPWDDPAFIVEESIKAQRKLLIGYKGNPKVDKKKFEEAWNPTHAAISLSGEPMLYPYMG
DLVEEFHKRGFTTFIVTNGTIPERLEEMIKEDKLPTQLYVSITAPDIETYNSVNIPMIPDGWERILRFLELMRDLPTRTV
VRLTLVKGENMHSPEKYAKLILKARPMFVEAKAYMFVGYSRNRLTINNMPSHQDIREFAEALVKHLPGYHIEDEYEPSRV
VLIMRDDVDPQGTGVEGRFIKH
;
_entity_poly.pdbx_strand_id   A
#
# COMPACT_ATOMS: atom_id res chain seq x y z
N LYS A 11 19.65 -18.96 11.89
CA LYS A 11 19.06 -18.65 13.22
C LYS A 11 18.91 -17.14 13.42
N ILE A 12 17.95 -16.52 12.74
CA ILE A 12 17.78 -15.09 12.92
C ILE A 12 16.83 -14.86 14.06
N THR A 13 17.04 -13.76 14.76
CA THR A 13 16.20 -13.40 15.88
C THR A 13 15.73 -11.97 15.69
N VAL A 14 14.46 -11.72 16.05
CA VAL A 14 13.90 -10.38 15.94
C VAL A 14 13.55 -9.84 17.31
N GLN A 15 14.00 -8.63 17.65
CA GLN A 15 13.63 -8.05 18.93
C GLN A 15 12.14 -7.71 18.88
N ALA A 16 11.39 -8.11 19.90
CA ALA A 16 9.95 -7.83 19.89
C ALA A 16 9.27 -7.88 21.24
N ASN A 17 8.26 -7.04 21.41
CA ASN A 17 7.49 -7.01 22.65
C ASN A 17 6.23 -6.22 22.34
N PRO A 18 5.28 -6.88 21.65
CA PRO A 18 3.99 -6.44 21.15
C PRO A 18 3.15 -5.65 22.14
N ASN A 19 3.07 -4.35 21.89
CA ASN A 19 2.31 -3.47 22.75
C ASN A 19 0.82 -3.66 22.44
N MET A 20 0.31 -4.85 22.77
CA MET A 20 -1.09 -5.21 22.52
C MET A 20 -1.47 -6.47 23.30
N PRO A 21 -2.76 -6.76 23.43
CA PRO A 21 -3.13 -7.99 24.17
C PRO A 21 -2.39 -9.19 23.55
N LYS A 22 -1.88 -10.08 24.41
CA LYS A 22 -1.14 -11.23 23.93
C LYS A 22 -1.93 -12.08 22.92
N GLU A 23 -3.23 -12.12 23.14
CA GLU A 23 -4.14 -12.88 22.30
C GLU A 23 -4.06 -12.34 20.85
N VAL A 24 -4.09 -11.01 20.72
CA VAL A 24 -4.02 -10.37 19.41
C VAL A 24 -2.70 -10.72 18.76
N ALA A 25 -1.59 -10.46 19.47
CA ALA A 25 -0.25 -10.78 18.98
C ALA A 25 -0.18 -12.22 18.45
N GLU A 26 -0.74 -13.16 19.20
CA GLU A 26 -0.73 -14.55 18.75
C GLU A 26 -1.50 -14.70 17.42
N LEU A 27 -2.62 -13.99 17.28
CA LEU A 27 -3.41 -14.03 16.03
C LEU A 27 -2.57 -13.59 14.82
N PHE A 28 -1.74 -12.55 15.00
CA PHE A 28 -0.88 -12.09 13.91
C PHE A 28 0.12 -13.15 13.54
N ARG A 29 0.68 -13.78 14.57
CA ARG A 29 1.66 -14.83 14.33
C ARG A 29 1.09 -15.98 13.55
N LYS A 30 -0.10 -16.46 13.92
CA LYS A 30 -0.69 -17.57 13.19
C LYS A 30 -0.92 -17.22 11.72
N GLN A 31 -1.04 -15.94 11.41
CA GLN A 31 -1.22 -15.51 10.02
C GLN A 31 0.12 -15.26 9.34
N HIS A 32 1.18 -15.69 10.01
CA HIS A 32 2.53 -15.58 9.49
C HIS A 32 3.19 -14.19 9.45
N TYR A 33 2.74 -13.30 10.34
CA TYR A 33 3.35 -11.97 10.44
C TYR A 33 4.53 -12.10 11.42
N GLU A 34 5.59 -11.35 11.19
CA GLU A 34 6.70 -11.41 12.10
C GLU A 34 6.67 -10.04 12.78
N ILE A 35 6.36 -10.03 14.08
CA ILE A 35 6.27 -8.76 14.81
C ILE A 35 7.60 -8.10 15.08
N VAL A 36 7.63 -6.78 14.92
CA VAL A 36 8.83 -6.02 15.14
C VAL A 36 8.66 -4.93 16.20
N GLY A 37 9.45 -5.04 17.25
CA GLY A 37 9.41 -4.07 18.31
C GLY A 37 8.09 -4.07 19.02
N ARG A 38 7.67 -2.89 19.38
CA ARG A 38 6.43 -2.76 20.10
C ARG A 38 5.17 -2.75 19.21
N HIS A 39 5.27 -2.15 18.01
CA HIS A 39 4.08 -1.94 17.18
C HIS A 39 4.15 -2.14 15.64
N SER A 40 5.19 -2.80 15.15
CA SER A 40 5.37 -3.03 13.72
C SER A 40 5.31 -4.50 13.37
N GLY A 41 5.38 -4.78 12.07
CA GLY A 41 5.36 -6.15 11.58
C GLY A 41 5.80 -6.31 10.12
N VAL A 42 6.17 -7.53 9.74
CA VAL A 42 6.63 -7.84 8.40
C VAL A 42 5.93 -9.13 8.02
N LYS A 43 5.65 -9.31 6.73
CA LYS A 43 4.99 -10.51 6.22
C LYS A 43 5.43 -10.71 4.75
N LEU A 44 5.54 -11.95 4.29
CA LEU A 44 5.96 -12.17 2.89
C LEU A 44 4.80 -11.96 1.93
N CYS A 45 5.03 -11.18 0.87
CA CYS A 45 3.99 -10.92 -0.13
C CYS A 45 3.22 -12.22 -0.44
N HIS A 46 1.90 -12.16 -0.42
CA HIS A 46 1.06 -13.31 -0.73
C HIS A 46 1.64 -13.89 -2.03
N TRP A 47 1.94 -12.95 -2.91
CA TRP A 47 2.52 -13.19 -4.21
C TRP A 47 3.82 -14.00 -4.12
N LEU A 48 4.85 -13.33 -3.58
CA LEU A 48 6.22 -13.85 -3.40
C LEU A 48 6.48 -15.35 -3.40
N LYS A 49 5.55 -16.13 -2.87
CA LYS A 49 5.76 -17.57 -2.86
C LYS A 49 5.91 -18.07 -4.31
N LYS A 50 4.82 -18.05 -5.06
CA LYS A 50 4.83 -18.51 -6.44
C LYS A 50 5.87 -17.82 -7.31
N SER A 51 6.31 -16.65 -6.89
CA SER A 51 7.34 -15.94 -7.64
C SER A 51 8.69 -16.62 -7.49
N LEU A 52 8.94 -17.13 -6.29
CA LEU A 52 10.20 -17.80 -6.00
C LEU A 52 10.18 -19.25 -6.46
N THR A 53 8.98 -19.85 -6.52
CA THR A 53 8.88 -21.25 -6.90
C THR A 53 8.28 -21.52 -8.27
N GLU A 54 7.66 -20.51 -8.89
CA GLU A 54 7.09 -20.73 -10.21
C GLU A 54 7.41 -19.68 -11.25
N GLY A 55 8.39 -18.83 -10.99
CA GLY A 55 8.77 -17.80 -11.96
C GLY A 55 7.70 -16.74 -12.17
N ARG A 56 6.76 -16.67 -11.24
CA ARG A 56 5.68 -15.68 -11.31
C ARG A 56 6.12 -14.23 -11.20
N PHE A 57 5.41 -13.40 -11.94
CA PHE A 57 5.63 -11.96 -11.95
C PHE A 57 4.45 -11.28 -11.22
N CYS A 58 4.60 -10.01 -10.88
CA CYS A 58 3.57 -9.26 -10.22
C CYS A 58 3.24 -8.11 -11.20
N TYR A 59 2.05 -7.55 -11.07
CA TYR A 59 1.62 -6.46 -11.93
C TYR A 59 2.43 -5.17 -11.68
N LYS A 60 2.95 -5.02 -10.46
CA LYS A 60 3.75 -3.84 -10.12
C LYS A 60 5.02 -3.86 -10.96
N GLN A 61 5.42 -5.04 -11.40
CA GLN A 61 6.61 -5.12 -12.22
C GLN A 61 6.21 -4.60 -13.60
N LYS A 62 5.14 -5.18 -14.16
CA LYS A 62 4.67 -4.75 -15.46
C LYS A 62 4.40 -3.24 -15.50
N PHE A 63 3.71 -2.74 -14.49
CA PHE A 63 3.37 -1.33 -14.41
C PHE A 63 4.54 -0.36 -14.15
N TYR A 64 5.38 -0.63 -13.16
CA TYR A 64 6.44 0.33 -12.81
C TYR A 64 7.88 -0.15 -12.78
N GLY A 65 8.11 -1.41 -13.14
CA GLY A 65 9.46 -1.93 -13.09
C GLY A 65 9.89 -2.33 -11.67
N ILE A 66 8.91 -2.62 -10.80
CA ILE A 66 9.17 -3.06 -9.42
C ILE A 66 9.28 -4.60 -9.38
N HIS A 67 10.37 -5.15 -8.87
CA HIS A 67 10.50 -6.62 -8.78
C HIS A 67 9.96 -7.07 -7.44
N SER A 68 8.68 -7.39 -7.40
CA SER A 68 8.04 -7.77 -6.14
C SER A 68 8.79 -8.78 -5.26
N HIS A 69 9.60 -9.66 -5.85
CA HIS A 69 10.32 -10.62 -5.02
C HIS A 69 11.49 -10.00 -4.24
N ARG A 70 11.71 -8.70 -4.42
CA ARG A 70 12.73 -7.99 -3.67
C ARG A 70 12.03 -6.86 -2.86
N CYS A 71 10.75 -7.09 -2.54
CA CYS A 71 9.93 -6.15 -1.78
C CYS A 71 9.92 -6.62 -0.36
N LEU A 72 10.17 -5.70 0.56
CA LEU A 72 10.12 -6.00 1.99
C LEU A 72 8.79 -5.35 2.37
N GLN A 73 7.77 -6.18 2.60
CA GLN A 73 6.43 -5.69 2.91
C GLN A 73 6.26 -5.57 4.41
N MET A 74 5.93 -4.38 4.87
CA MET A 74 5.84 -4.17 6.29
C MET A 74 4.98 -2.98 6.63
N THR A 75 4.87 -2.71 7.92
CA THR A 75 4.13 -1.57 8.41
C THR A 75 4.63 -1.20 9.81
N PRO A 76 4.71 0.12 10.11
CA PRO A 76 5.16 0.59 11.42
C PRO A 76 3.93 0.80 12.31
N VAL A 77 2.74 0.40 11.80
CA VAL A 77 1.45 0.54 12.51
C VAL A 77 0.65 -0.76 12.28
N LEU A 78 1.00 -1.76 13.06
CA LEU A 78 0.45 -3.07 12.91
C LEU A 78 -1.01 -3.32 13.19
N ALA A 79 -1.56 -2.66 14.20
CA ALA A 79 -2.93 -2.98 14.56
C ALA A 79 -3.85 -1.80 14.81
N TRP A 80 -3.48 -0.61 14.37
CA TRP A 80 -4.28 0.57 14.59
C TRP A 80 -4.57 1.17 13.22
N CYS A 81 -5.72 1.83 13.09
CA CYS A 81 -6.14 2.39 11.82
C CYS A 81 -7.30 3.34 12.08
N THR A 82 -7.73 4.08 11.08
CA THR A 82 -8.80 5.04 11.25
C THR A 82 -10.06 4.54 10.60
N HIS A 83 -9.95 3.40 9.90
CA HIS A 83 -11.08 2.75 9.22
C HIS A 83 -11.20 1.31 9.69
N ASN A 84 -12.41 0.80 9.72
CA ASN A 84 -12.59 -0.63 10.00
C ASN A 84 -13.25 -1.13 8.68
N CYS A 85 -12.59 -0.88 7.54
CA CYS A 85 -13.11 -1.23 6.20
C CYS A 85 -13.47 -2.68 6.00
N ILE A 86 -14.58 -2.90 5.29
CA ILE A 86 -15.11 -4.23 5.02
C ILE A 86 -14.26 -5.13 4.12
N PHE A 87 -13.30 -4.58 3.39
CA PHE A 87 -12.43 -5.41 2.56
C PHE A 87 -11.02 -5.46 3.19
N CYS A 88 -10.89 -4.93 4.40
CA CYS A 88 -9.61 -4.89 5.12
C CYS A 88 -9.32 -6.07 6.01
N TRP A 89 -8.36 -6.90 5.58
CA TRP A 89 -8.02 -8.06 6.35
C TRP A 89 -7.16 -7.69 7.53
N ARG A 90 -7.54 -8.23 8.68
CA ARG A 90 -6.87 -7.98 9.94
C ARG A 90 -7.19 -9.18 10.83
N PRO A 91 -6.18 -9.96 11.23
CA PRO A 91 -6.44 -11.11 12.08
C PRO A 91 -7.46 -10.93 13.22
N MET A 92 -7.72 -9.70 13.63
CA MET A 92 -8.70 -9.49 14.71
C MET A 92 -10.00 -8.83 14.21
N GLU A 93 -11.03 -8.87 15.05
CA GLU A 93 -12.34 -8.29 14.78
C GLU A 93 -12.30 -6.86 14.23
N ASN A 94 -11.82 -5.93 15.06
CA ASN A 94 -11.67 -4.53 14.65
C ASN A 94 -10.29 -4.09 15.06
N PHE A 95 -9.82 -2.99 14.49
CA PHE A 95 -8.51 -2.48 14.88
C PHE A 95 -8.59 -2.08 16.34
N LEU A 96 -7.43 -1.97 16.98
CA LEU A 96 -7.33 -1.64 18.39
C LEU A 96 -7.60 -0.17 18.76
N GLY A 97 -7.46 0.74 17.80
CA GLY A 97 -7.69 2.13 18.11
C GLY A 97 -7.26 3.01 16.96
N THR A 98 -7.48 4.33 17.10
CA THR A 98 -7.16 5.27 16.03
C THR A 98 -5.83 5.98 16.12
N GLU A 99 -4.96 5.52 17.00
CA GLU A 99 -3.66 6.15 17.14
C GLU A 99 -2.64 5.12 17.54
N LEU A 100 -1.39 5.37 17.21
CA LEU A 100 -0.31 4.46 17.57
C LEU A 100 0.03 4.68 19.04
N PRO A 101 -0.23 3.70 19.91
CA PRO A 101 0.14 3.95 21.32
C PRO A 101 1.65 4.02 21.50
N GLN A 102 2.08 4.74 22.53
CA GLN A 102 3.50 4.87 22.83
C GLN A 102 3.91 3.70 23.75
N PRO A 103 5.21 3.45 23.93
CA PRO A 103 6.35 4.14 23.38
C PRO A 103 6.49 3.76 21.92
N TRP A 104 6.94 4.73 21.14
CA TRP A 104 7.13 4.58 19.71
C TRP A 104 8.56 4.18 19.42
N ASP A 105 8.75 3.10 18.65
CA ASP A 105 10.11 2.69 18.31
C ASP A 105 10.73 3.67 17.32
N ASP A 106 12.04 3.77 17.35
CA ASP A 106 12.73 4.67 16.46
C ASP A 106 12.86 4.00 15.09
N PRO A 107 12.92 4.81 14.03
CA PRO A 107 13.03 4.43 12.61
C PRO A 107 14.19 3.48 12.26
N ALA A 108 15.38 3.74 12.78
CA ALA A 108 16.52 2.89 12.46
C ALA A 108 16.33 1.47 13.00
N PHE A 109 15.84 1.37 14.23
CA PHE A 109 15.58 0.08 14.84
C PHE A 109 14.54 -0.69 14.00
N ILE A 110 13.48 0.01 13.62
CA ILE A 110 12.43 -0.60 12.81
C ILE A 110 12.95 -1.18 11.50
N VAL A 111 13.70 -0.38 10.76
CA VAL A 111 14.27 -0.86 9.49
C VAL A 111 15.17 -2.06 9.71
N GLU A 112 16.12 -1.94 10.65
CA GLU A 112 17.07 -3.02 10.93
C GLU A 112 16.37 -4.33 11.26
N GLU A 113 15.48 -4.29 12.25
CA GLU A 113 14.75 -5.49 12.68
C GLU A 113 13.84 -6.03 11.58
N SER A 114 13.28 -5.13 10.77
CA SER A 114 12.41 -5.55 9.68
C SER A 114 13.20 -6.42 8.68
N ILE A 115 14.42 -5.98 8.40
CA ILE A 115 15.28 -6.75 7.49
C ILE A 115 15.54 -8.13 8.13
N LYS A 116 15.75 -8.13 9.44
CA LYS A 116 15.98 -9.42 10.09
C LYS A 116 14.69 -10.25 10.02
N ALA A 117 13.54 -9.60 10.19
CA ALA A 117 12.26 -10.33 10.13
C ALA A 117 12.07 -10.95 8.77
N GLN A 118 12.38 -10.17 7.75
CA GLN A 118 12.23 -10.63 6.38
C GLN A 118 13.02 -11.94 6.20
N ARG A 119 14.29 -11.94 6.59
CA ARG A 119 15.12 -13.13 6.44
C ARG A 119 14.61 -14.32 7.25
N LYS A 120 14.21 -14.03 8.48
CA LYS A 120 13.68 -15.08 9.35
C LYS A 120 12.52 -15.81 8.66
N LEU A 121 11.65 -15.06 8.01
CA LEU A 121 10.52 -15.66 7.32
C LEU A 121 11.03 -16.38 6.08
N LEU A 122 12.01 -15.79 5.40
CA LEU A 122 12.56 -16.43 4.21
C LEU A 122 13.16 -17.81 4.47
N ILE A 123 13.82 -17.96 5.62
CA ILE A 123 14.40 -19.23 6.02
C ILE A 123 13.40 -20.38 5.78
N GLY A 124 12.10 -20.11 5.97
CA GLY A 124 11.09 -21.13 5.74
C GLY A 124 11.08 -21.66 4.31
N TYR A 125 12.17 -21.42 3.59
CA TYR A 125 12.37 -21.85 2.21
C TYR A 125 13.69 -22.59 2.09
N LYS A 126 14.66 -22.03 1.37
CA LYS A 126 15.94 -22.71 1.22
C LYS A 126 17.13 -21.77 1.14
N PRO A 129 14.61 -26.27 -2.67
CA PRO A 129 13.80 -27.36 -3.23
C PRO A 129 13.36 -27.00 -4.64
N LYS A 130 12.07 -26.70 -4.77
CA LYS A 130 11.47 -26.31 -6.02
C LYS A 130 11.70 -24.81 -6.12
N VAL A 131 12.54 -24.28 -5.23
CA VAL A 131 12.84 -22.85 -5.16
C VAL A 131 13.96 -22.39 -6.08
N ASP A 132 13.73 -21.27 -6.77
CA ASP A 132 14.73 -20.69 -7.65
C ASP A 132 15.86 -20.23 -6.76
N LYS A 133 17.10 -20.40 -7.19
CA LYS A 133 18.27 -20.04 -6.40
C LYS A 133 18.73 -18.57 -6.45
N LYS A 134 19.00 -18.05 -7.64
CA LYS A 134 19.47 -16.66 -7.76
C LYS A 134 18.43 -15.65 -7.28
N LYS A 135 17.17 -16.01 -7.46
CA LYS A 135 16.07 -15.15 -7.08
C LYS A 135 15.92 -15.07 -5.55
N PHE A 136 16.11 -16.21 -4.89
CA PHE A 136 16.01 -16.28 -3.43
C PHE A 136 17.06 -15.36 -2.84
N GLU A 137 18.24 -15.39 -3.42
CA GLU A 137 19.33 -14.55 -2.99
C GLU A 137 18.94 -13.07 -3.03
N GLU A 138 18.18 -12.69 -4.07
CA GLU A 138 17.76 -11.30 -4.24
C GLU A 138 16.68 -10.90 -3.27
N ALA A 139 15.84 -11.88 -2.92
CA ALA A 139 14.78 -11.66 -1.96
C ALA A 139 15.43 -11.50 -0.57
N TRP A 140 16.62 -12.08 -0.43
CA TRP A 140 17.35 -12.05 0.84
C TRP A 140 17.98 -10.69 1.00
N ASN A 141 18.00 -9.94 -0.09
CA ASN A 141 18.58 -8.60 -0.10
C ASN A 141 17.59 -7.68 -0.77
N PRO A 142 16.40 -7.46 -0.15
CA PRO A 142 15.36 -6.60 -0.71
C PRO A 142 15.81 -5.17 -0.99
N THR A 143 15.21 -4.56 -2.00
CA THR A 143 15.55 -3.20 -2.39
C THR A 143 14.36 -2.24 -2.45
N HIS A 144 13.18 -2.81 -2.21
CA HIS A 144 11.93 -2.05 -2.23
C HIS A 144 11.25 -2.22 -0.87
N ALA A 145 10.99 -1.11 -0.19
CA ALA A 145 10.29 -1.18 1.10
C ALA A 145 8.84 -0.84 0.85
N ALA A 146 7.98 -1.86 0.94
CA ALA A 146 6.54 -1.67 0.74
C ALA A 146 5.90 -1.35 2.10
N ILE A 147 5.65 -0.08 2.36
CA ILE A 147 5.05 0.34 3.65
C ILE A 147 3.54 0.36 3.44
N SER A 148 2.94 -0.84 3.51
CA SER A 148 1.53 -1.06 3.24
C SER A 148 0.90 -2.37 3.75
N LEU A 149 1.47 -2.98 4.77
CA LEU A 149 0.96 -4.25 5.28
C LEU A 149 -0.46 -4.25 5.86
N SER A 150 -0.67 -3.53 6.96
CA SER A 150 -1.98 -3.47 7.61
C SER A 150 -1.97 -2.21 8.45
N GLY A 151 -3.11 -1.91 9.05
CA GLY A 151 -3.19 -0.67 9.82
C GLY A 151 -3.09 0.55 8.91
N GLU A 152 -2.87 1.71 9.51
CA GLU A 152 -2.74 2.94 8.74
C GLU A 152 -1.34 3.37 9.08
N PRO A 153 -0.41 3.12 8.17
CA PRO A 153 0.98 3.49 8.47
C PRO A 153 1.28 4.95 8.78
N MET A 154 0.50 5.87 8.23
CA MET A 154 0.75 7.27 8.49
C MET A 154 0.52 7.64 9.96
N LEU A 155 -0.01 6.70 10.74
CA LEU A 155 -0.20 6.98 12.15
C LEU A 155 1.19 7.02 12.82
N TYR A 156 2.24 6.51 12.17
CA TYR A 156 3.57 6.55 12.80
C TYR A 156 4.10 7.98 12.68
N PRO A 157 4.42 8.61 13.82
CA PRO A 157 4.92 9.99 13.86
C PRO A 157 6.18 10.24 13.08
N TYR A 158 7.02 9.23 12.95
CA TYR A 158 8.30 9.37 12.27
C TYR A 158 8.40 8.75 10.86
N MET A 159 7.33 8.87 10.08
CA MET A 159 7.31 8.31 8.72
C MET A 159 8.44 8.87 7.84
N GLY A 160 8.53 10.20 7.77
CA GLY A 160 9.57 10.86 7.00
C GLY A 160 10.92 10.25 7.32
N ASP A 161 11.26 10.18 8.60
CA ASP A 161 12.54 9.59 8.99
C ASP A 161 12.65 8.10 8.65
N LEU A 162 11.53 7.38 8.78
CA LEU A 162 11.55 5.97 8.47
C LEU A 162 11.92 5.83 6.99
N VAL A 163 11.37 6.73 6.17
CA VAL A 163 11.64 6.71 4.74
C VAL A 163 13.12 6.93 4.47
N GLU A 164 13.71 7.87 5.20
CA GLU A 164 15.13 8.15 5.05
C GLU A 164 15.95 6.93 5.44
N GLU A 165 15.59 6.29 6.56
CA GLU A 165 16.32 5.11 6.98
C GLU A 165 16.39 4.05 5.88
N PHE A 166 15.27 3.78 5.23
CA PHE A 166 15.25 2.80 4.15
C PHE A 166 16.15 3.28 3.02
N HIS A 167 16.04 4.57 2.68
CA HIS A 167 16.85 5.15 1.62
C HIS A 167 18.32 5.06 1.94
N LYS A 168 18.71 5.29 3.19
CA LYS A 168 20.14 5.19 3.54
C LYS A 168 20.69 3.78 3.32
N ARG A 169 19.83 2.78 3.38
CA ARG A 169 20.28 1.41 3.18
C ARG A 169 19.98 0.95 1.75
N GLY A 170 19.78 1.92 0.86
CA GLY A 170 19.54 1.64 -0.54
C GLY A 170 18.18 1.16 -1.01
N PHE A 171 17.14 1.29 -0.21
CA PHE A 171 15.84 0.82 -0.68
C PHE A 171 15.17 1.98 -1.33
N THR A 172 14.28 1.66 -2.26
CA THR A 172 13.38 2.67 -2.82
C THR A 172 12.13 2.40 -1.92
N THR A 173 11.31 3.43 -1.69
CA THR A 173 10.14 3.29 -0.85
C THR A 173 8.78 3.53 -1.50
N PHE A 174 7.80 2.79 -1.01
CA PHE A 174 6.40 2.90 -1.47
C PHE A 174 5.42 2.91 -0.29
N ILE A 175 4.75 4.04 -0.06
CA ILE A 175 3.80 4.14 1.05
C ILE A 175 2.39 4.02 0.53
N VAL A 176 1.58 3.22 1.19
CA VAL A 176 0.19 3.14 0.80
C VAL A 176 -0.58 3.67 2.02
N THR A 177 -1.37 4.71 1.85
CA THR A 177 -2.17 5.25 2.96
C THR A 177 -3.62 5.45 2.58
N ASN A 178 -4.51 5.43 3.56
CA ASN A 178 -5.92 5.65 3.25
C ASN A 178 -6.20 7.17 3.19
N GLY A 179 -5.17 7.98 3.41
CA GLY A 179 -5.29 9.46 3.33
C GLY A 179 -5.91 10.26 4.46
N THR A 180 -6.28 9.60 5.56
CA THR A 180 -6.93 10.31 6.66
C THR A 180 -5.95 11.04 7.57
N ILE A 181 -4.67 11.01 7.23
CA ILE A 181 -3.68 11.71 8.05
C ILE A 181 -2.84 12.75 7.29
N PRO A 182 -3.51 13.80 6.79
CA PRO A 182 -2.81 14.87 6.04
C PRO A 182 -1.67 15.56 6.77
N GLU A 183 -1.75 15.66 8.09
CA GLU A 183 -0.65 16.31 8.82
C GLU A 183 0.68 15.53 8.68
N ARG A 184 0.63 14.20 8.55
CA ARG A 184 1.89 13.51 8.38
C ARG A 184 2.50 13.88 7.00
N LEU A 185 1.65 14.05 5.99
CA LEU A 185 2.12 14.45 4.68
C LEU A 185 2.68 15.88 4.72
N GLU A 186 2.00 16.79 5.43
CA GLU A 186 2.50 18.16 5.52
C GLU A 186 3.90 18.17 6.12
N GLU A 187 4.10 17.33 7.13
CA GLU A 187 5.39 17.19 7.81
C GLU A 187 6.48 16.61 6.89
N MET A 188 6.17 15.56 6.15
CA MET A 188 7.14 14.94 5.24
C MET A 188 7.46 15.91 4.13
N ILE A 189 6.45 16.69 3.72
CA ILE A 189 6.68 17.67 2.67
C ILE A 189 7.64 18.73 3.20
N LYS A 190 7.31 19.26 4.37
CA LYS A 190 8.09 20.31 5.00
C LYS A 190 9.55 19.94 5.25
N GLU A 191 9.78 18.72 5.70
CA GLU A 191 11.14 18.25 5.97
C GLU A 191 11.70 17.56 4.75
N ASP A 192 10.97 17.64 3.65
CA ASP A 192 11.39 17.03 2.42
C ASP A 192 11.87 15.58 2.61
N LYS A 193 10.99 14.74 3.15
CA LYS A 193 11.28 13.31 3.34
C LYS A 193 10.16 12.47 2.69
N LEU A 194 10.03 12.60 1.37
CA LEU A 194 9.01 11.92 0.61
C LEU A 194 9.51 10.57 0.16
N PRO A 195 8.59 9.59 0.03
CA PRO A 195 9.00 8.26 -0.42
C PRO A 195 9.16 8.28 -1.95
N THR A 196 9.76 7.23 -2.51
CA THR A 196 9.93 7.11 -3.94
C THR A 196 8.54 7.19 -4.65
N GLN A 197 7.55 6.52 -4.08
CA GLN A 197 6.22 6.49 -4.66
C GLN A 197 5.16 6.49 -3.55
N LEU A 198 4.19 7.38 -3.68
CA LEU A 198 3.13 7.51 -2.70
C LEU A 198 1.77 7.13 -3.26
N TYR A 199 1.10 6.20 -2.57
CA TYR A 199 -0.22 5.78 -2.99
C TYR A 199 -1.26 6.19 -1.96
N VAL A 200 -2.36 6.80 -2.41
CA VAL A 200 -3.46 7.05 -1.50
C VAL A 200 -4.56 6.12 -2.03
N SER A 201 -5.08 5.29 -1.14
CA SER A 201 -6.14 4.36 -1.47
C SER A 201 -7.52 5.02 -1.31
N ILE A 202 -8.30 5.09 -2.39
CA ILE A 202 -9.65 5.65 -2.36
C ILE A 202 -10.60 4.53 -2.67
N THR A 203 -11.56 4.34 -1.76
CA THR A 203 -12.53 3.25 -1.89
C THR A 203 -13.97 3.75 -1.82
N ALA A 204 -14.15 5.06 -1.88
CA ALA A 204 -15.52 5.60 -1.86
C ALA A 204 -15.65 6.90 -2.64
N PRO A 205 -16.62 6.97 -3.55
CA PRO A 205 -16.84 8.18 -4.36
C PRO A 205 -17.83 9.18 -3.71
N ASP A 206 -18.45 8.81 -2.59
CA ASP A 206 -19.39 9.69 -1.89
C ASP A 206 -19.44 9.34 -0.40
N ILE A 207 -19.87 10.33 0.38
CA ILE A 207 -19.95 10.21 1.84
C ILE A 207 -20.71 8.99 2.35
N GLU A 208 -21.79 8.61 1.70
CA GLU A 208 -22.51 7.46 2.20
C GLU A 208 -21.70 6.18 2.00
N THR A 209 -21.07 6.06 0.83
CA THR A 209 -20.30 4.88 0.55
C THR A 209 -19.09 4.85 1.49
N TYR A 210 -18.52 6.03 1.76
CA TYR A 210 -17.38 6.11 2.62
C TYR A 210 -17.73 5.50 4.00
N ASN A 211 -18.93 5.79 4.51
CA ASN A 211 -19.31 5.22 5.79
C ASN A 211 -19.61 3.76 5.77
N SER A 212 -20.33 3.30 4.74
CA SER A 212 -20.69 1.90 4.73
C SER A 212 -19.56 0.97 4.34
N VAL A 213 -18.59 1.48 3.59
CA VAL A 213 -17.46 0.67 3.13
C VAL A 213 -16.19 0.78 3.95
N ASN A 214 -15.87 1.98 4.38
CA ASN A 214 -14.69 2.17 5.19
C ASN A 214 -14.94 2.06 6.68
N ILE A 215 -16.21 2.26 7.09
CA ILE A 215 -16.60 2.23 8.51
C ILE A 215 -15.59 3.03 9.36
N PRO A 216 -15.55 4.37 9.19
CA PRO A 216 -14.67 5.31 9.91
C PRO A 216 -14.73 5.22 11.43
N MET A 217 -13.58 5.41 12.07
CA MET A 217 -13.45 5.38 13.51
C MET A 217 -13.24 6.82 13.99
N ILE A 218 -13.11 7.74 13.05
CA ILE A 218 -12.96 9.14 13.37
C ILE A 218 -14.11 9.82 12.73
N PRO A 219 -14.39 11.04 13.16
CA PRO A 219 -15.55 11.66 12.51
C PRO A 219 -15.31 12.50 11.29
N ASP A 220 -14.06 12.91 11.06
CA ASP A 220 -13.72 13.82 9.98
C ASP A 220 -12.81 13.22 8.88
N GLY A 221 -12.90 11.90 8.68
CA GLY A 221 -12.07 11.24 7.69
C GLY A 221 -12.20 11.78 6.27
N TRP A 222 -13.44 12.03 5.86
CA TRP A 222 -13.71 12.52 4.52
C TRP A 222 -13.00 13.86 4.24
N GLU A 223 -13.10 14.81 5.14
CA GLU A 223 -12.41 16.07 4.91
C GLU A 223 -10.89 15.91 4.99
N ARG A 224 -10.41 14.97 5.81
CA ARG A 224 -8.96 14.76 5.91
C ARG A 224 -8.45 14.22 4.56
N ILE A 225 -9.19 13.27 3.98
CA ILE A 225 -8.90 12.69 2.67
C ILE A 225 -8.89 13.78 1.59
N LEU A 226 -9.89 14.66 1.61
CA LEU A 226 -9.94 15.79 0.68
C LEU A 226 -8.69 16.65 0.82
N ARG A 227 -8.26 16.89 2.07
CA ARG A 227 -7.05 17.68 2.26
C ARG A 227 -5.84 16.90 1.72
N PHE A 228 -5.75 15.62 2.06
CA PHE A 228 -4.63 14.81 1.62
C PHE A 228 -4.46 14.92 0.09
N LEU A 229 -5.56 14.70 -0.63
CA LEU A 229 -5.56 14.81 -2.09
C LEU A 229 -5.00 16.16 -2.53
N GLU A 230 -5.46 17.24 -1.88
CA GLU A 230 -4.98 18.57 -2.23
C GLU A 230 -3.47 18.70 -1.96
N LEU A 231 -2.96 18.06 -0.91
CA LEU A 231 -1.53 18.11 -0.61
C LEU A 231 -0.71 17.27 -1.61
N MET A 232 -1.36 16.39 -2.35
CA MET A 232 -0.63 15.58 -3.32
C MET A 232 -0.42 16.33 -4.64
N ARG A 233 -1.23 17.34 -4.92
CA ARG A 233 -1.03 18.03 -6.18
C ARG A 233 0.40 18.63 -6.29
N ASP A 234 1.03 18.39 -7.44
CA ASP A 234 2.38 18.88 -7.69
C ASP A 234 3.39 18.33 -6.68
N LEU A 235 3.04 17.24 -6.01
CA LEU A 235 3.97 16.67 -5.07
C LEU A 235 5.18 16.19 -5.88
N PRO A 236 6.39 16.55 -5.44
CA PRO A 236 7.67 16.23 -6.06
C PRO A 236 8.07 14.76 -6.00
N THR A 237 7.13 13.84 -6.16
CA THR A 237 7.49 12.42 -6.12
C THR A 237 6.50 11.62 -6.95
N ARG A 238 6.71 10.32 -7.13
CA ARG A 238 5.75 9.56 -7.94
C ARG A 238 4.42 9.41 -7.19
N THR A 239 3.32 9.80 -7.82
CA THR A 239 1.99 9.73 -7.20
C THR A 239 0.97 8.78 -7.81
N VAL A 240 0.18 8.17 -6.94
CA VAL A 240 -0.84 7.20 -7.36
C VAL A 240 -2.13 7.32 -6.57
N VAL A 241 -3.27 7.23 -7.27
CA VAL A 241 -4.56 7.16 -6.62
C VAL A 241 -5.05 5.73 -6.94
N ARG A 242 -5.17 4.89 -5.92
CA ARG A 242 -5.62 3.52 -6.14
C ARG A 242 -7.07 3.27 -5.73
N LEU A 243 -7.89 2.83 -6.68
CA LEU A 243 -9.27 2.52 -6.37
C LEU A 243 -9.44 1.01 -6.27
N THR A 244 -9.88 0.54 -5.11
CA THR A 244 -10.12 -0.90 -4.89
C THR A 244 -11.61 -1.06 -5.03
N LEU A 245 -12.01 -1.67 -6.14
CA LEU A 245 -13.39 -1.85 -6.53
C LEU A 245 -14.10 -3.13 -6.09
N VAL A 246 -15.20 -2.95 -5.36
CA VAL A 246 -16.00 -4.04 -4.83
C VAL A 246 -17.36 -4.04 -5.52
N LYS A 247 -17.69 -5.14 -6.18
CA LYS A 247 -18.96 -5.19 -6.90
C LYS A 247 -20.16 -5.06 -5.95
N GLY A 248 -21.07 -4.17 -6.33
CA GLY A 248 -22.26 -3.91 -5.55
C GLY A 248 -22.03 -3.05 -4.32
N GLU A 249 -20.80 -2.56 -4.11
CA GLU A 249 -20.52 -1.73 -2.95
C GLU A 249 -19.98 -0.37 -3.33
N ASN A 250 -18.97 -0.31 -4.19
CA ASN A 250 -18.41 0.99 -4.55
C ASN A 250 -18.11 1.22 -6.02
N MET A 251 -18.65 0.37 -6.90
CA MET A 251 -18.42 0.56 -8.33
C MET A 251 -19.56 1.38 -8.92
N HIS A 252 -19.58 2.67 -8.59
CA HIS A 252 -20.62 3.57 -9.11
C HIS A 252 -20.06 4.98 -9.03
N SER A 253 -20.77 5.93 -9.63
CA SER A 253 -20.36 7.34 -9.67
C SER A 253 -18.90 7.55 -10.14
N PRO A 254 -18.52 6.92 -11.26
CA PRO A 254 -17.14 7.11 -11.75
C PRO A 254 -16.80 8.58 -11.90
N GLU A 255 -17.80 9.39 -12.26
CA GLU A 255 -17.54 10.81 -12.41
C GLU A 255 -17.16 11.46 -11.07
N LYS A 256 -17.68 10.92 -9.97
CA LYS A 256 -17.33 11.47 -8.67
C LYS A 256 -15.90 11.07 -8.34
N TYR A 257 -15.50 9.85 -8.68
CA TYR A 257 -14.13 9.43 -8.42
C TYR A 257 -13.19 10.34 -9.20
N ALA A 258 -13.53 10.64 -10.45
CA ALA A 258 -12.67 11.48 -11.27
C ALA A 258 -12.39 12.81 -10.58
N LYS A 259 -13.39 13.38 -9.93
CA LYS A 259 -13.20 14.66 -9.25
C LYS A 259 -12.21 14.55 -8.12
N LEU A 260 -12.28 13.44 -7.38
CA LEU A 260 -11.36 13.24 -6.28
C LEU A 260 -9.95 13.12 -6.88
N ILE A 261 -9.87 12.31 -7.93
CA ILE A 261 -8.61 12.09 -8.59
C ILE A 261 -8.04 13.44 -9.05
N LEU A 262 -8.89 14.25 -9.68
CA LEU A 262 -8.43 15.51 -10.22
C LEU A 262 -7.91 16.48 -9.19
N LYS A 263 -8.36 16.39 -7.94
CA LYS A 263 -7.84 17.30 -6.93
C LYS A 263 -6.35 16.97 -6.70
N ALA A 264 -5.97 15.74 -6.94
CA ALA A 264 -4.58 15.39 -6.70
C ALA A 264 -3.72 15.31 -7.97
N ARG A 265 -4.38 15.16 -9.12
CA ARG A 265 -3.67 15.05 -10.40
C ARG A 265 -2.48 14.11 -10.26
N PRO A 266 -2.74 12.87 -9.80
CA PRO A 266 -1.64 11.93 -9.65
C PRO A 266 -1.07 11.55 -11.04
N MET A 267 0.16 11.05 -11.04
CA MET A 267 0.82 10.59 -12.25
C MET A 267 0.07 9.35 -12.74
N PHE A 268 -0.44 8.56 -11.79
CA PHE A 268 -1.12 7.32 -12.14
C PHE A 268 -2.36 7.07 -11.29
N VAL A 269 -3.26 6.29 -11.89
CA VAL A 269 -4.47 5.84 -11.25
C VAL A 269 -4.63 4.32 -11.52
N GLU A 270 -4.85 3.53 -10.46
CA GLU A 270 -5.08 2.10 -10.62
C GLU A 270 -6.54 1.79 -10.31
N ALA A 271 -7.20 1.07 -11.22
CA ALA A 271 -8.57 0.64 -10.99
C ALA A 271 -8.30 -0.82 -10.72
N LYS A 272 -8.40 -1.18 -9.44
CA LYS A 272 -8.11 -2.55 -9.03
C LYS A 272 -9.27 -3.33 -8.37
N ALA A 273 -9.46 -4.57 -8.80
CA ALA A 273 -10.54 -5.39 -8.25
C ALA A 273 -10.19 -5.88 -6.88
N TYR A 274 -11.15 -5.82 -5.97
CA TYR A 274 -10.94 -6.37 -4.63
C TYR A 274 -10.92 -7.89 -4.86
N MET A 275 -9.95 -8.58 -4.27
CA MET A 275 -9.91 -10.04 -4.42
C MET A 275 -9.65 -10.75 -3.08
N ASN A 282 -16.36 -12.23 5.98
CA ASN A 282 -16.74 -11.03 6.70
C ASN A 282 -17.64 -10.12 5.85
N ARG A 283 -18.94 -10.39 5.86
CA ARG A 283 -19.91 -9.59 5.12
C ARG A 283 -19.73 -9.64 3.62
N LEU A 284 -18.48 -9.76 3.19
CA LEU A 284 -18.17 -9.81 1.77
C LEU A 284 -18.14 -11.22 1.17
N THR A 285 -19.02 -11.45 0.21
CA THR A 285 -19.14 -12.70 -0.50
C THR A 285 -18.05 -12.83 -1.58
N ILE A 286 -18.02 -13.95 -2.27
CA ILE A 286 -17.03 -14.20 -3.32
C ILE A 286 -17.52 -13.53 -4.62
N ASN A 287 -18.77 -13.11 -4.63
CA ASN A 287 -19.39 -12.47 -5.80
C ASN A 287 -19.29 -10.95 -5.69
N ASN A 288 -18.61 -10.51 -4.65
CA ASN A 288 -18.39 -9.08 -4.46
C ASN A 288 -17.15 -8.71 -5.30
N MET A 289 -16.47 -9.75 -5.76
CA MET A 289 -15.26 -9.65 -6.57
C MET A 289 -15.59 -9.43 -8.05
N PRO A 290 -15.32 -8.23 -8.57
CA PRO A 290 -15.61 -7.97 -9.98
C PRO A 290 -14.68 -8.75 -10.88
N SER A 291 -15.10 -8.89 -12.14
CA SER A 291 -14.33 -9.59 -13.16
C SER A 291 -13.40 -8.57 -13.77
N HIS A 292 -12.34 -9.07 -14.40
CA HIS A 292 -11.39 -8.19 -15.03
C HIS A 292 -12.13 -7.34 -16.06
N GLN A 293 -13.10 -7.95 -16.71
CA GLN A 293 -13.87 -7.23 -17.71
C GLN A 293 -14.65 -6.09 -17.04
N ASP A 294 -15.10 -6.32 -15.81
CA ASP A 294 -15.80 -5.27 -15.06
C ASP A 294 -14.89 -4.09 -14.82
N ILE A 295 -13.64 -4.40 -14.48
CA ILE A 295 -12.67 -3.37 -14.20
C ILE A 295 -12.35 -2.62 -15.47
N ARG A 296 -12.25 -3.32 -16.59
CA ARG A 296 -11.93 -2.60 -17.83
C ARG A 296 -13.03 -1.63 -18.14
N GLU A 297 -14.28 -2.07 -17.95
CA GLU A 297 -15.41 -1.20 -18.20
C GLU A 297 -15.41 0.02 -17.30
N PHE A 298 -15.22 -0.21 -16.01
CA PHE A 298 -15.19 0.88 -15.06
C PHE A 298 -14.06 1.84 -15.43
N ALA A 299 -12.91 1.27 -15.78
CA ALA A 299 -11.77 2.09 -16.21
C ALA A 299 -12.12 2.99 -17.40
N GLU A 300 -12.83 2.43 -18.38
CA GLU A 300 -13.21 3.22 -19.54
C GLU A 300 -14.18 4.32 -19.11
N ALA A 301 -15.17 3.96 -18.32
CA ALA A 301 -16.14 4.95 -17.86
C ALA A 301 -15.47 6.07 -17.08
N LEU A 302 -14.42 5.70 -16.36
CA LEU A 302 -13.69 6.65 -15.54
C LEU A 302 -12.81 7.55 -16.37
N VAL A 303 -12.00 6.96 -17.26
CA VAL A 303 -11.10 7.79 -18.04
C VAL A 303 -11.84 8.90 -18.82
N LYS A 304 -13.10 8.64 -19.17
CA LYS A 304 -13.92 9.64 -19.86
C LYS A 304 -14.07 10.94 -19.08
N HIS A 305 -13.87 10.88 -17.76
CA HIS A 305 -14.01 12.08 -16.94
C HIS A 305 -12.71 12.63 -16.47
N LEU A 306 -11.63 12.17 -17.07
CA LEU A 306 -10.31 12.63 -16.66
C LEU A 306 -9.57 13.25 -17.84
N PRO A 307 -9.82 14.54 -18.09
CA PRO A 307 -9.13 15.19 -19.20
C PRO A 307 -7.63 15.08 -18.95
N GLY A 308 -6.83 14.82 -19.98
CA GLY A 308 -5.39 14.74 -19.77
C GLY A 308 -4.86 13.41 -19.25
N TYR A 309 -5.69 12.39 -19.24
CA TYR A 309 -5.28 11.05 -18.78
C TYR A 309 -5.69 10.04 -19.83
N HIS A 310 -5.07 8.87 -19.79
CA HIS A 310 -5.47 7.81 -20.73
C HIS A 310 -5.19 6.40 -20.10
N ILE A 311 -5.84 5.38 -20.64
CA ILE A 311 -5.62 4.01 -20.18
C ILE A 311 -4.28 3.57 -20.78
N GLU A 312 -3.31 3.33 -19.90
CA GLU A 312 -1.94 2.99 -20.27
C GLU A 312 -1.56 1.52 -20.29
N ASP A 313 -2.27 0.70 -19.52
CA ASP A 313 -1.91 -0.72 -19.46
C ASP A 313 -2.88 -1.46 -18.60
N GLU A 314 -2.69 -2.77 -18.49
CA GLU A 314 -3.59 -3.60 -17.67
C GLU A 314 -2.88 -4.93 -17.33
N TYR A 315 -3.46 -5.67 -16.38
CA TYR A 315 -2.89 -6.95 -16.00
C TYR A 315 -4.06 -7.80 -15.53
N GLU A 316 -4.58 -8.54 -16.48
CA GLU A 316 -5.72 -9.37 -16.23
C GLU A 316 -5.57 -10.31 -15.04
N PRO A 317 -4.41 -10.96 -14.89
CA PRO A 317 -4.30 -11.87 -13.73
C PRO A 317 -4.62 -11.20 -12.40
N SER A 318 -4.43 -9.89 -12.29
CA SER A 318 -4.75 -9.19 -11.05
C SER A 318 -5.93 -8.24 -11.25
N ARG A 319 -6.66 -8.46 -12.33
CA ARG A 319 -7.83 -7.64 -12.63
C ARG A 319 -7.59 -6.18 -12.26
N VAL A 320 -6.50 -5.63 -12.78
CA VAL A 320 -6.17 -4.24 -12.52
C VAL A 320 -5.80 -3.52 -13.79
N VAL A 321 -6.30 -2.31 -13.93
CA VAL A 321 -6.05 -1.47 -15.10
C VAL A 321 -5.32 -0.19 -14.66
N LEU A 322 -4.36 0.22 -15.46
CA LEU A 322 -3.56 1.41 -15.19
C LEU A 322 -3.91 2.61 -16.06
N ILE A 323 -4.26 3.72 -15.41
CA ILE A 323 -4.56 4.99 -16.10
C ILE A 323 -3.35 5.86 -15.79
N MET A 324 -2.84 6.59 -16.77
CA MET A 324 -1.65 7.41 -16.53
C MET A 324 -1.86 8.74 -17.15
N ARG A 325 -1.30 9.76 -16.50
CA ARG A 325 -1.39 11.16 -16.92
C ARG A 325 -0.53 11.37 -18.20
N ASP A 326 -1.19 11.94 -19.20
CA ASP A 326 -0.62 12.20 -20.52
C ASP A 326 0.78 12.75 -20.62
N ASP A 327 1.16 13.64 -19.73
CA ASP A 327 2.51 14.20 -19.75
C ASP A 327 3.60 13.27 -19.13
N VAL A 328 3.23 12.05 -18.77
CA VAL A 328 4.18 11.09 -18.21
C VAL A 328 4.70 10.21 -19.36
N ASP A 329 6.01 10.09 -19.46
CA ASP A 329 6.63 9.33 -20.54
C ASP A 329 6.53 7.80 -20.35
N PRO A 330 5.84 7.12 -21.28
CA PRO A 330 5.71 5.66 -21.16
C PRO A 330 7.01 4.88 -21.17
N GLN A 331 8.09 5.53 -21.58
CA GLN A 331 9.39 4.86 -21.62
C GLN A 331 10.39 5.53 -20.71
N GLY A 332 9.94 6.50 -19.93
CA GLY A 332 10.87 7.16 -19.03
C GLY A 332 10.91 6.57 -17.63
N THR A 333 11.76 7.12 -16.78
CA THR A 333 11.86 6.67 -15.40
C THR A 333 11.86 7.89 -14.53
N GLY A 334 11.55 7.70 -13.25
CA GLY A 334 11.54 8.82 -12.33
C GLY A 334 10.26 9.58 -12.19
N VAL A 335 10.38 10.79 -11.63
CA VAL A 335 9.19 11.61 -11.38
C VAL A 335 8.41 12.03 -12.62
N GLU A 336 8.91 11.75 -13.82
CA GLU A 336 8.17 12.11 -15.03
C GLU A 336 8.03 10.97 -16.03
N GLY A 337 8.42 9.77 -15.58
CA GLY A 337 8.33 8.59 -16.43
C GLY A 337 7.46 7.54 -15.76
N ARG A 338 7.02 6.57 -16.56
CA ARG A 338 6.16 5.48 -16.09
C ARG A 338 6.86 4.57 -15.11
N PHE A 339 8.13 4.36 -15.37
CA PHE A 339 8.95 3.47 -14.58
C PHE A 339 9.87 4.06 -13.48
N ILE A 340 10.14 3.21 -12.48
CA ILE A 340 11.01 3.52 -11.35
C ILE A 340 12.46 3.57 -11.86
N LYS A 341 13.30 4.44 -11.29
CA LYS A 341 14.70 4.50 -11.72
C LYS A 341 15.28 3.10 -11.63
N HIS A 342 15.90 2.66 -12.73
CA HIS A 342 16.48 1.34 -12.86
C HIS A 342 17.18 0.82 -11.64
#